data_4U4S
#
_entry.id   4U4S
#
_cell.length_a   97.830
_cell.length_b   121.370
_cell.length_c   47.330
_cell.angle_alpha   90.000
_cell.angle_beta   90.000
_cell.angle_gamma   90.000
#
_symmetry.space_group_name_H-M   'P 21 21 2'
#
loop_
_entity.id
_entity.type
_entity.pdbx_description
1 polymer 'Glutamate receptor 2,Glutamate receptor 2'
2 non-polymer '4-ethyl-3,4-dihydro-2H-pyrido[4,3-e][1,2,4]thiadiazine 1,1-dioxide'
3 non-polymer 'SULFATE ION'
4 non-polymer GLYCEROL
5 non-polymer 'ACETATE ION'
6 non-polymer 'CHLORIDE ION'
7 non-polymer 'GLUTAMIC ACID'
8 non-polymer DI(HYDROXYETHYL)ETHER
9 water water
#
_entity_poly.entity_id   1
_entity_poly.type   'polypeptide(L)'
_entity_poly.pdbx_seq_one_letter_code
;GANKTVVVTTILESPYVMMKKNHEMLEGNERYEGYCVDLAAEIAKHCGFKYKLTIVGDGKYGARDADTKIWNGMVGELVY
GKADIAIAPLTITYVREEVIDFSKPFMSLGISIMIKKGTPIESAEDLSKQTEIAYGTLDSGSTKEFFRRSKIAVFDKMWT
YMRSAEPSVFVRTTAEGVARVRKSKGKYAYLLESTMNEYIEQRKPCDTMKVGGNLDSKGYGIATPKGSSLGNAVNLAVLK
LSEQGLLDKLKNKWWYDKGECGS
;
_entity_poly.pdbx_strand_id   A,B
#
loop_
_chem_comp.id
_chem_comp.type
_chem_comp.name
_chem_comp.formula
3C1 non-polymer '4-ethyl-3,4-dihydro-2H-pyrido[4,3-e][1,2,4]thiadiazine 1,1-dioxide' 'C8 H11 N3 O2 S'
ACT non-polymer 'ACETATE ION' 'C2 H3 O2 -1'
CL non-polymer 'CHLORIDE ION' 'Cl -1'
GOL non-polymer GLYCEROL 'C3 H8 O3'
PEG non-polymer DI(HYDROXYETHYL)ETHER 'C4 H10 O3'
SO4 non-polymer 'SULFATE ION' 'O4 S -2'
#
# COMPACT_ATOMS: atom_id res chain seq x y z
N LYS A 4 4.45 24.39 -20.49
CA LYS A 4 3.50 24.08 -21.55
C LYS A 4 2.68 22.84 -21.22
N THR A 5 2.24 22.13 -22.26
CA THR A 5 1.26 21.06 -22.07
C THR A 5 1.92 19.72 -21.77
N VAL A 6 1.57 19.16 -20.62
CA VAL A 6 2.10 17.88 -20.20
C VAL A 6 1.43 16.73 -20.95
N VAL A 7 2.22 15.89 -21.59
CA VAL A 7 1.68 14.72 -22.27
C VAL A 7 1.54 13.58 -21.26
N VAL A 8 0.30 13.15 -21.07
CA VAL A 8 -0.03 12.05 -20.16
C VAL A 8 -0.28 10.78 -20.95
N THR A 9 0.48 9.72 -20.69
CA THR A 9 0.14 8.47 -21.32
C THR A 9 -0.76 7.65 -20.39
N THR A 10 -1.78 7.04 -20.96
CA THR A 10 -2.65 6.20 -20.15
C THR A 10 -3.14 5.08 -21.05
N ILE A 11 -4.05 4.26 -20.54
CA ILE A 11 -4.46 3.08 -21.26
C ILE A 11 -5.96 2.87 -21.09
N LEU A 12 -6.62 2.29 -22.09
CA LEU A 12 -8.06 2.03 -22.00
C LEU A 12 -8.26 0.77 -21.18
N GLU A 13 -8.77 0.97 -19.97
CA GLU A 13 -8.94 -0.10 -19.01
C GLU A 13 -10.06 0.31 -18.06
N SER A 14 -11.20 -0.38 -18.11
CA SER A 14 -12.33 0.02 -17.26
C SER A 14 -12.04 -0.35 -15.82
N PRO A 15 -12.44 0.51 -14.85
CA PRO A 15 -13.11 1.81 -14.98
C PRO A 15 -12.10 2.95 -14.85
N TYR A 16 -10.84 2.68 -15.16
CA TYR A 16 -9.79 3.69 -15.02
C TYR A 16 -9.89 4.74 -16.12
N VAL A 17 -9.95 4.27 -17.36
CA VAL A 17 -10.10 5.15 -18.50
C VAL A 17 -11.03 4.47 -19.48
N MET A 18 -12.09 5.17 -19.85
CA MET A 18 -13.09 4.63 -20.74
C MET A 18 -13.51 5.69 -21.76
N MET A 19 -13.92 5.28 -22.95
CA MET A 19 -14.48 6.23 -23.92
C MET A 19 -15.87 6.64 -23.47
N LYS A 20 -16.16 7.94 -23.43
CA LYS A 20 -17.52 8.36 -23.11
C LYS A 20 -18.50 7.93 -24.20
N LYS A 21 -19.78 7.85 -23.84
N LYS A 21 -19.77 7.81 -23.84
CA LYS A 21 -20.83 7.65 -24.83
CA LYS A 21 -20.82 7.63 -24.83
C LYS A 21 -20.80 8.83 -25.80
C LYS A 21 -20.79 8.83 -25.81
N ASN A 22 -20.93 8.55 -27.09
CA ASN A 22 -20.82 9.59 -28.13
C ASN A 22 -19.48 10.31 -28.13
N HIS A 23 -18.41 9.60 -27.76
CA HIS A 23 -17.08 10.19 -27.77
C HIS A 23 -16.67 10.68 -29.17
N GLU A 24 -17.28 10.11 -30.19
CA GLU A 24 -16.94 10.41 -31.58
CA GLU A 24 -16.88 10.43 -31.56
C GLU A 24 -17.13 11.89 -31.92
N MET A 25 -18.02 12.56 -31.19
CA MET A 25 -18.21 13.99 -31.45
C MET A 25 -17.46 14.86 -30.43
N LEU A 26 -16.73 14.23 -29.52
CA LEU A 26 -15.98 14.97 -28.51
C LEU A 26 -14.52 15.10 -28.94
N GLU A 27 -13.78 15.97 -28.26
CA GLU A 27 -12.37 16.03 -28.57
C GLU A 27 -11.53 16.21 -27.33
N GLY A 28 -10.24 15.91 -27.48
CA GLY A 28 -9.28 16.10 -26.43
C GLY A 28 -9.63 15.28 -25.20
N ASN A 29 -9.36 15.87 -24.04
CA ASN A 29 -9.52 15.14 -22.78
C ASN A 29 -10.97 14.80 -22.53
N GLU A 30 -11.87 15.56 -23.15
CA GLU A 30 -13.31 15.33 -22.97
C GLU A 30 -13.80 13.99 -23.53
N ARG A 31 -12.99 13.34 -24.36
CA ARG A 31 -13.38 12.03 -24.93
C ARG A 31 -13.46 10.92 -23.88
N TYR A 32 -12.76 11.14 -22.78
CA TYR A 32 -12.47 10.08 -21.81
C TYR A 32 -13.16 10.30 -20.48
N GLU A 33 -13.45 9.21 -19.78
CA GLU A 33 -13.91 9.31 -18.39
C GLU A 33 -13.40 8.13 -17.60
N GLY A 34 -13.41 8.26 -16.28
CA GLY A 34 -12.98 7.17 -15.44
C GLY A 34 -12.18 7.64 -14.25
N TYR A 35 -11.80 6.69 -13.42
CA TYR A 35 -11.02 6.98 -12.21
C TYR A 35 -9.74 7.75 -12.54
N CYS A 36 -8.98 7.26 -13.52
CA CYS A 36 -7.68 7.88 -13.82
C CYS A 36 -7.84 9.21 -14.53
N VAL A 37 -8.95 9.38 -15.23
CA VAL A 37 -9.26 10.68 -15.85
C VAL A 37 -9.53 11.72 -14.76
N ASP A 38 -10.32 11.33 -13.77
CA ASP A 38 -10.59 12.20 -12.62
C ASP A 38 -9.30 12.47 -11.83
N LEU A 39 -8.50 11.43 -11.64
CA LEU A 39 -7.25 11.57 -10.90
C LEU A 39 -6.33 12.57 -11.61
N ALA A 40 -6.22 12.43 -12.93
CA ALA A 40 -5.34 13.32 -13.72
C ALA A 40 -5.74 14.78 -13.55
N ALA A 41 -7.04 15.04 -13.59
CA ALA A 41 -7.59 16.37 -13.36
C ALA A 41 -7.20 16.91 -11.99
N GLU A 42 -7.29 16.08 -10.95
CA GLU A 42 -6.95 16.52 -9.61
C GLU A 42 -5.44 16.77 -9.46
N ILE A 43 -4.65 15.88 -10.01
CA ILE A 43 -3.20 16.00 -9.91
C ILE A 43 -2.74 17.30 -10.61
N ALA A 44 -3.23 17.50 -11.83
CA ALA A 44 -2.88 18.68 -12.63
C ALA A 44 -3.33 19.96 -11.95
N LYS A 45 -4.48 19.91 -11.28
CA LYS A 45 -4.95 21.08 -10.54
C LYS A 45 -3.98 21.41 -9.40
N HIS A 46 -3.56 20.38 -8.66
CA HIS A 46 -2.67 20.62 -7.53
C HIS A 46 -1.27 21.00 -7.97
N CYS A 47 -0.85 20.53 -9.13
CA CYS A 47 0.50 20.83 -9.58
C CYS A 47 0.52 22.04 -10.51
N GLY A 48 -0.66 22.43 -10.98
CA GLY A 48 -0.80 23.60 -11.84
C GLY A 48 -0.23 23.46 -13.24
N PHE A 49 -0.52 22.34 -13.91
CA PHE A 49 -0.12 22.23 -15.30
C PHE A 49 -1.31 21.87 -16.18
N LYS A 50 -1.22 22.23 -17.44
CA LYS A 50 -2.18 21.76 -18.42
C LYS A 50 -1.68 20.45 -18.97
N TYR A 51 -2.58 19.59 -19.41
CA TYR A 51 -2.19 18.27 -19.86
C TYR A 51 -3.06 17.79 -21.00
N LYS A 52 -2.52 16.83 -21.73
CA LYS A 52 -3.18 16.17 -22.86
C LYS A 52 -3.18 14.67 -22.61
N LEU A 53 -4.36 14.08 -22.41
CA LEU A 53 -4.43 12.62 -22.27
C LEU A 53 -4.19 11.96 -23.61
N THR A 54 -3.31 10.97 -23.64
CA THR A 54 -3.08 10.20 -24.87
C THR A 54 -3.06 8.70 -24.57
N ILE A 55 -3.79 7.92 -25.35
CA ILE A 55 -3.82 6.47 -25.13
C ILE A 55 -2.57 5.81 -25.71
N VAL A 56 -1.90 4.99 -24.92
CA VAL A 56 -0.63 4.37 -25.31
C VAL A 56 -0.80 3.63 -26.64
N GLY A 57 0.10 3.94 -27.59
CA GLY A 57 0.01 3.42 -28.94
C GLY A 57 -0.16 1.92 -29.05
N ASP A 58 0.66 1.14 -28.36
CA ASP A 58 0.59 -0.31 -28.51
C ASP A 58 -0.40 -0.96 -27.53
N GLY A 59 -1.11 -0.13 -26.77
CA GLY A 59 -2.08 -0.64 -25.81
C GLY A 59 -1.52 -1.56 -24.73
N LYS A 60 -0.24 -1.40 -24.41
CA LYS A 60 0.37 -2.25 -23.37
C LYS A 60 0.78 -1.47 -22.14
N TYR A 61 0.89 -2.17 -21.01
CA TYR A 61 1.36 -1.54 -19.79
C TYR A 61 2.86 -1.32 -19.87
N GLY A 62 3.62 -2.37 -20.10
CA GLY A 62 5.06 -2.21 -20.23
C GLY A 62 5.88 -3.38 -19.75
N ALA A 63 6.68 -3.92 -20.67
CA ALA A 63 7.62 -4.97 -20.36
C ALA A 63 8.88 -4.74 -21.18
N ARG A 64 10.01 -5.23 -20.69
CA ARG A 64 11.25 -5.11 -21.41
C ARG A 64 11.53 -6.40 -22.18
N ASP A 65 11.71 -6.29 -23.49
CA ASP A 65 11.99 -7.45 -24.32
C ASP A 65 13.29 -8.09 -23.88
N ALA A 66 13.31 -9.42 -23.80
CA ALA A 66 14.49 -10.15 -23.33
C ALA A 66 15.72 -9.86 -24.18
N ASP A 67 15.55 -9.92 -25.49
CA ASP A 67 16.67 -9.76 -26.43
C ASP A 67 17.07 -8.30 -26.62
N THR A 68 16.17 -7.53 -27.23
CA THR A 68 16.43 -6.14 -27.58
C THR A 68 16.59 -5.23 -26.37
N LYS A 69 16.06 -5.66 -25.23
CA LYS A 69 16.02 -4.86 -24.01
C LYS A 69 15.31 -3.52 -24.22
N ILE A 70 14.42 -3.48 -25.20
CA ILE A 70 13.56 -2.32 -25.43
C ILE A 70 12.30 -2.41 -24.57
N TRP A 71 11.91 -1.30 -23.95
CA TRP A 71 10.65 -1.24 -23.20
C TRP A 71 9.49 -0.91 -24.11
N ASN A 72 8.37 -1.61 -23.95
CA ASN A 72 7.17 -1.25 -24.70
C ASN A 72 6.14 -0.62 -23.75
N GLY A 73 4.93 -0.39 -24.26
CA GLY A 73 3.83 0.10 -23.44
C GLY A 73 4.04 1.49 -22.87
N MET A 74 3.30 1.79 -21.81
CA MET A 74 3.40 3.10 -21.16
C MET A 74 4.79 3.30 -20.58
N VAL A 75 5.40 2.21 -20.10
CA VAL A 75 6.75 2.35 -19.54
C VAL A 75 7.71 2.84 -20.64
N GLY A 76 7.60 2.23 -21.82
CA GLY A 76 8.42 2.63 -22.96
C GLY A 76 8.18 4.07 -23.37
N GLU A 77 6.93 4.51 -23.33
CA GLU A 77 6.61 5.90 -23.66
C GLU A 77 7.32 6.88 -22.73
N LEU A 78 7.46 6.52 -21.46
CA LEU A 78 8.20 7.35 -20.52
C LEU A 78 9.69 7.25 -20.77
N VAL A 79 10.18 6.02 -20.94
CA VAL A 79 11.61 5.78 -21.11
C VAL A 79 12.14 6.49 -22.36
N TYR A 80 11.38 6.46 -23.46
CA TYR A 80 11.89 7.01 -24.72
C TYR A 80 11.42 8.43 -25.01
N GLY A 81 10.77 9.05 -24.03
CA GLY A 81 10.46 10.46 -24.13
C GLY A 81 9.20 10.82 -24.90
N LYS A 82 8.32 9.85 -25.10
CA LYS A 82 7.09 10.09 -25.86
C LYS A 82 5.99 10.69 -24.98
N ALA A 83 6.13 10.55 -23.66
CA ALA A 83 5.19 11.14 -22.71
C ALA A 83 5.92 11.62 -21.48
N ASP A 84 5.31 12.57 -20.79
CA ASP A 84 5.88 13.21 -19.63
C ASP A 84 5.50 12.49 -18.33
N ILE A 85 4.34 11.85 -18.33
CA ILE A 85 3.83 11.28 -17.09
C ILE A 85 2.83 10.20 -17.47
N ALA A 86 2.73 9.16 -16.65
CA ALA A 86 1.76 8.09 -16.89
C ALA A 86 0.74 8.09 -15.76
N ILE A 87 -0.53 8.23 -16.08
CA ILE A 87 -1.57 8.23 -15.04
C ILE A 87 -2.54 7.13 -15.39
N ALA A 88 -2.40 6.00 -14.70
CA ALA A 88 -3.00 4.75 -15.12
C ALA A 88 -2.85 3.69 -14.03
N PRO A 89 -3.55 2.55 -14.15
CA PRO A 89 -3.29 1.47 -13.20
C PRO A 89 -1.98 0.77 -13.52
N LEU A 90 -0.89 1.51 -13.30
CA LEU A 90 0.45 1.05 -13.62
C LEU A 90 1.12 0.60 -12.33
N THR A 91 1.46 -0.67 -12.27
CA THR A 91 1.92 -1.29 -11.03
C THR A 91 3.37 -0.94 -10.71
N ILE A 92 3.60 -0.55 -9.46
CA ILE A 92 4.93 -0.30 -8.94
C ILE A 92 5.67 -1.62 -8.82
N THR A 93 6.80 -1.76 -9.50
CA THR A 93 7.59 -2.98 -9.40
C THR A 93 9.07 -2.63 -9.36
N TYR A 94 9.85 -3.56 -8.86
CA TYR A 94 11.29 -3.40 -8.77
C TYR A 94 11.90 -3.11 -10.14
N VAL A 95 11.60 -3.94 -11.14
CA VAL A 95 12.25 -3.77 -12.43
C VAL A 95 11.87 -2.44 -13.09
N ARG A 96 10.65 -1.97 -12.86
CA ARG A 96 10.25 -0.68 -13.44
C ARG A 96 10.89 0.49 -12.71
N GLU A 97 10.99 0.37 -11.40
CA GLU A 97 11.59 1.43 -10.58
C GLU A 97 13.08 1.63 -10.90
N GLU A 98 13.68 0.63 -11.53
CA GLU A 98 15.04 0.78 -12.01
C GLU A 98 15.14 1.72 -13.21
N VAL A 99 14.05 1.95 -13.94
CA VAL A 99 14.16 2.77 -15.15
C VAL A 99 13.23 3.99 -15.19
N ILE A 100 12.17 3.98 -14.39
CA ILE A 100 11.28 5.13 -14.27
C ILE A 100 11.04 5.46 -12.80
N ASP A 101 10.44 6.60 -12.52
CA ASP A 101 10.07 6.94 -11.14
C ASP A 101 8.58 6.77 -10.89
N PHE A 102 8.23 6.37 -9.66
CA PHE A 102 6.83 6.25 -9.25
C PHE A 102 6.50 7.14 -8.06
N SER A 103 5.32 7.76 -8.08
CA SER A 103 4.78 8.40 -6.88
C SER A 103 4.51 7.36 -5.81
N LYS A 104 4.26 7.80 -4.59
CA LYS A 104 3.62 6.95 -3.59
C LYS A 104 2.31 6.39 -4.20
N PRO A 105 1.92 5.19 -3.78
CA PRO A 105 0.78 4.52 -4.44
C PRO A 105 -0.52 5.26 -4.23
N PHE A 106 -1.36 5.33 -5.27
CA PHE A 106 -2.68 5.93 -5.11
C PHE A 106 -3.79 4.87 -4.95
N MET A 107 -3.45 3.61 -5.16
CA MET A 107 -4.41 2.53 -5.01
C MET A 107 -3.66 1.23 -4.75
N SER A 108 -4.18 0.42 -3.84
CA SER A 108 -3.58 -0.87 -3.52
CA SER A 108 -3.57 -0.86 -3.53
C SER A 108 -4.20 -1.97 -4.36
N LEU A 109 -3.42 -3.01 -4.63
CA LEU A 109 -3.96 -4.20 -5.28
C LEU A 109 -3.06 -5.39 -5.00
N GLY A 110 -3.58 -6.57 -5.32
CA GLY A 110 -2.76 -7.77 -5.31
C GLY A 110 -3.20 -8.62 -6.48
N ILE A 111 -2.32 -9.52 -6.91
CA ILE A 111 -2.69 -10.49 -7.93
C ILE A 111 -3.76 -11.40 -7.34
N SER A 112 -4.78 -11.67 -8.13
CA SER A 112 -5.91 -12.43 -7.63
C SER A 112 -6.39 -13.39 -8.68
N ILE A 113 -7.28 -14.29 -8.28
CA ILE A 113 -7.81 -15.32 -9.16
C ILE A 113 -9.26 -15.03 -9.50
N MET A 114 -9.56 -14.99 -10.79
CA MET A 114 -10.95 -14.91 -11.24
C MET A 114 -11.39 -16.24 -11.82
N ILE A 115 -12.51 -16.76 -11.33
CA ILE A 115 -13.10 -17.98 -11.84
C ILE A 115 -14.54 -17.74 -12.28
N LYS A 116 -15.04 -18.61 -13.14
CA LYS A 116 -16.47 -18.63 -13.39
C LYS A 116 -17.13 -19.22 -12.15
N LYS A 117 -18.24 -18.64 -11.69
CA LYS A 117 -18.89 -19.11 -10.46
C LYS A 117 -19.12 -20.63 -10.48
N GLY A 118 -18.78 -21.30 -9.39
CA GLY A 118 -18.94 -22.75 -9.30
C GLY A 118 -17.70 -23.56 -9.65
N THR A 119 -16.68 -22.90 -10.18
CA THR A 119 -15.41 -23.55 -10.44
C THR A 119 -14.80 -24.06 -9.14
N PRO A 120 -14.39 -25.34 -9.12
CA PRO A 120 -13.81 -25.94 -7.90
C PRO A 120 -12.37 -25.50 -7.64
N ILE A 121 -12.17 -24.21 -7.46
CA ILE A 121 -10.85 -23.65 -7.17
C ILE A 121 -10.97 -22.68 -6.02
N GLU A 122 -10.13 -22.86 -5.00
CA GLU A 122 -10.16 -22.02 -3.82
C GLU A 122 -8.89 -21.19 -3.67
N SER A 123 -7.85 -21.54 -4.44
CA SER A 123 -6.51 -20.99 -4.19
C SER A 123 -5.56 -21.19 -5.37
N ALA A 124 -4.45 -20.47 -5.35
CA ALA A 124 -3.39 -20.68 -6.32
C ALA A 124 -2.79 -22.08 -6.13
N GLU A 125 -2.70 -22.52 -4.88
CA GLU A 125 -2.23 -23.87 -4.60
C GLU A 125 -3.10 -24.90 -5.31
N ASP A 126 -4.42 -24.73 -5.24
CA ASP A 126 -5.37 -25.59 -5.97
C ASP A 126 -5.10 -25.61 -7.48
N LEU A 127 -4.89 -24.43 -8.05
CA LEU A 127 -4.63 -24.33 -9.48
C LEU A 127 -3.38 -25.10 -9.87
N SER A 128 -2.34 -24.97 -9.04
CA SER A 128 -1.03 -25.53 -9.34
C SER A 128 -1.07 -27.07 -9.38
N LYS A 129 -2.00 -27.66 -8.64
CA LYS A 129 -1.99 -29.11 -8.47
C LYS A 129 -3.04 -29.83 -9.31
N GLN A 130 -3.50 -29.18 -10.37
CA GLN A 130 -4.45 -29.80 -11.30
C GLN A 130 -4.19 -29.34 -12.73
N THR A 131 -4.92 -29.89 -13.69
CA THR A 131 -4.67 -29.60 -15.11
C THR A 131 -5.94 -29.48 -15.94
N GLU A 132 -7.08 -29.86 -15.38
CA GLU A 132 -8.35 -29.73 -16.08
C GLU A 132 -8.66 -28.26 -16.32
N ILE A 133 -8.41 -27.42 -15.33
CA ILE A 133 -8.67 -26.00 -15.46
C ILE A 133 -7.40 -25.25 -15.88
N ALA A 134 -7.44 -24.65 -17.06
CA ALA A 134 -6.32 -23.86 -17.56
C ALA A 134 -6.33 -22.46 -16.92
N TYR A 135 -5.17 -21.81 -16.89
CA TYR A 135 -5.14 -20.48 -16.31
C TYR A 135 -4.02 -19.66 -16.89
N GLY A 136 -4.21 -18.35 -16.90
CA GLY A 136 -3.20 -17.46 -17.44
C GLY A 136 -3.36 -16.02 -17.00
N THR A 137 -2.62 -15.15 -17.69
CA THR A 137 -2.48 -13.74 -17.32
C THR A 137 -2.45 -12.83 -18.55
N LEU A 138 -2.47 -11.52 -18.30
CA LEU A 138 -2.27 -10.51 -19.33
C LEU A 138 -0.83 -10.49 -19.86
N ASP A 139 -0.66 -10.28 -21.17
CA ASP A 139 0.68 -10.04 -21.76
C ASP A 139 1.26 -8.65 -21.47
N SER A 140 2.59 -8.59 -21.36
CA SER A 140 3.33 -7.34 -21.23
C SER A 140 2.94 -6.53 -19.99
N GLY A 141 2.60 -7.24 -18.91
CA GLY A 141 2.21 -6.58 -17.68
C GLY A 141 2.92 -7.13 -16.45
N SER A 142 2.63 -6.53 -15.31
CA SER A 142 3.36 -6.85 -14.09
C SER A 142 3.01 -8.25 -13.59
N THR A 143 1.81 -8.73 -13.89
CA THR A 143 1.38 -10.03 -13.39
C THR A 143 2.18 -11.14 -14.05
N LYS A 144 2.30 -11.06 -15.38
CA LYS A 144 3.08 -12.05 -16.09
C LYS A 144 4.55 -12.01 -15.64
N GLU A 145 5.09 -10.81 -15.50
CA GLU A 145 6.47 -10.63 -15.10
CA GLU A 145 6.48 -10.68 -15.10
C GLU A 145 6.69 -11.17 -13.68
N PHE A 146 5.66 -11.06 -12.85
CA PHE A 146 5.73 -11.58 -11.49
C PHE A 146 5.94 -13.09 -11.49
N PHE A 147 5.10 -13.81 -12.22
CA PHE A 147 5.23 -15.27 -12.28
C PHE A 147 6.54 -15.72 -12.94
N ARG A 148 6.96 -15.00 -13.98
CA ARG A 148 8.19 -15.34 -14.69
C ARG A 148 9.39 -15.26 -13.76
N ARG A 149 9.39 -14.24 -12.91
CA ARG A 149 10.50 -13.96 -12.01
C ARG A 149 10.45 -14.73 -10.70
N SER A 150 9.29 -15.30 -10.36
CA SER A 150 9.10 -15.77 -8.99
C SER A 150 9.85 -17.08 -8.69
N LYS A 151 10.44 -17.11 -7.51
CA LYS A 151 11.11 -18.30 -6.99
C LYS A 151 10.25 -18.97 -5.94
N ILE A 152 9.11 -18.36 -5.62
CA ILE A 152 8.14 -18.96 -4.71
C ILE A 152 7.60 -20.23 -5.37
N ALA A 153 7.61 -21.33 -4.62
CA ALA A 153 7.42 -22.66 -5.21
C ALA A 153 6.11 -22.82 -5.98
N VAL A 154 4.99 -22.46 -5.37
CA VAL A 154 3.69 -22.58 -6.05
C VAL A 154 3.68 -21.71 -7.32
N PHE A 155 4.19 -20.49 -7.24
CA PHE A 155 4.13 -19.58 -8.39
C PHE A 155 5.10 -20.02 -9.48
N ASP A 156 6.22 -20.58 -9.06
CA ASP A 156 7.19 -21.11 -10.01
C ASP A 156 6.56 -22.27 -10.80
N LYS A 157 5.88 -23.15 -10.08
CA LYS A 157 5.18 -24.27 -10.71
C LYS A 157 4.09 -23.77 -11.67
N MET A 158 3.34 -22.76 -11.26
CA MET A 158 2.33 -22.16 -12.13
C MET A 158 2.95 -21.56 -13.38
N TRP A 159 4.10 -20.91 -13.23
CA TRP A 159 4.79 -20.31 -14.36
C TRP A 159 5.28 -21.35 -15.36
N THR A 160 5.78 -22.47 -14.85
CA THR A 160 6.30 -23.54 -15.71
C THR A 160 5.19 -24.09 -16.58
N TYR A 161 4.01 -24.28 -16.00
CA TYR A 161 2.84 -24.67 -16.77
C TYR A 161 2.43 -23.58 -17.77
N MET A 162 2.28 -22.35 -17.30
CA MET A 162 1.69 -21.30 -18.14
C MET A 162 2.52 -20.96 -19.36
N ARG A 163 3.83 -20.92 -19.18
CA ARG A 163 4.72 -20.46 -20.25
C ARG A 163 4.70 -21.41 -21.46
N SER A 164 4.34 -22.67 -21.22
CA SER A 164 4.37 -23.68 -22.29
CA SER A 164 4.38 -23.66 -22.30
C SER A 164 2.99 -24.26 -22.63
N ALA A 165 1.94 -23.67 -22.07
CA ALA A 165 0.59 -24.19 -22.34
C ALA A 165 0.15 -23.89 -23.77
N GLU A 166 -0.59 -24.84 -24.36
CA GLU A 166 -1.09 -24.74 -25.72
C GLU A 166 -2.56 -25.14 -25.81
N PRO A 167 -3.41 -24.27 -26.39
CA PRO A 167 -3.10 -22.94 -26.94
C PRO A 167 -2.71 -21.98 -25.83
N SER A 168 -2.13 -20.83 -26.18
CA SER A 168 -1.62 -19.87 -25.20
C SER A 168 -2.67 -19.48 -24.17
N VAL A 169 -2.28 -19.51 -22.90
CA VAL A 169 -3.18 -19.12 -21.81
C VAL A 169 -3.10 -17.61 -21.57
N PHE A 170 -2.19 -16.96 -22.27
CA PHE A 170 -2.02 -15.51 -22.13
C PHE A 170 -3.00 -14.77 -23.02
N VAL A 171 -3.40 -13.58 -22.59
CA VAL A 171 -4.35 -12.75 -23.32
C VAL A 171 -3.80 -11.36 -23.55
N ARG A 172 -4.38 -10.65 -24.51
CA ARG A 172 -3.83 -9.36 -24.93
C ARG A 172 -4.46 -8.20 -24.14
N THR A 173 -5.69 -8.40 -23.67
CA THR A 173 -6.36 -7.36 -22.88
C THR A 173 -7.12 -8.01 -21.75
N THR A 174 -7.41 -7.24 -20.72
CA THR A 174 -8.19 -7.73 -19.59
C THR A 174 -9.55 -8.24 -20.04
N ALA A 175 -10.19 -7.50 -20.95
CA ALA A 175 -11.50 -7.89 -21.47
C ALA A 175 -11.49 -9.28 -22.11
N GLU A 176 -10.36 -9.65 -22.71
CA GLU A 176 -10.26 -10.99 -23.31
C GLU A 176 -10.08 -12.07 -22.26
N GLY A 177 -9.34 -11.76 -21.20
CA GLY A 177 -9.21 -12.70 -20.10
C GLY A 177 -10.57 -13.01 -19.48
N VAL A 178 -11.34 -11.95 -19.25
CA VAL A 178 -12.67 -12.08 -18.65
C VAL A 178 -13.59 -12.86 -19.57
N ALA A 179 -13.55 -12.53 -20.87
CA ALA A 179 -14.38 -13.20 -21.85
C ALA A 179 -14.08 -14.69 -21.88
N ARG A 180 -12.80 -15.03 -21.75
CA ARG A 180 -12.39 -16.42 -21.79
C ARG A 180 -12.84 -17.16 -20.54
N VAL A 181 -12.76 -16.52 -19.38
CA VAL A 181 -13.32 -17.10 -18.16
C VAL A 181 -14.80 -17.40 -18.41
N ARG A 182 -15.53 -16.41 -18.90
CA ARG A 182 -16.98 -16.52 -19.04
C ARG A 182 -17.42 -17.56 -20.08
N LYS A 183 -16.57 -17.87 -21.05
CA LYS A 183 -16.95 -18.75 -22.14
C LYS A 183 -16.35 -20.16 -22.05
N SER A 184 -15.44 -20.39 -21.11
CA SER A 184 -14.77 -21.68 -21.02
CA SER A 184 -14.76 -21.67 -21.01
C SER A 184 -15.46 -22.63 -20.05
N LYS A 185 -16.66 -22.26 -19.61
CA LYS A 185 -17.49 -23.12 -18.78
C LYS A 185 -16.78 -23.65 -17.55
N GLY A 186 -15.89 -22.84 -16.98
CA GLY A 186 -15.19 -23.21 -15.77
C GLY A 186 -13.86 -23.89 -16.01
N LYS A 187 -13.45 -23.96 -17.27
CA LYS A 187 -12.19 -24.61 -17.61
C LYS A 187 -11.03 -23.61 -17.79
N TYR A 188 -11.29 -22.33 -17.50
CA TYR A 188 -10.24 -21.29 -17.52
C TYR A 188 -10.37 -20.37 -16.31
N ALA A 189 -9.26 -20.14 -15.63
CA ALA A 189 -9.22 -19.15 -14.56
C ALA A 189 -8.25 -18.06 -14.98
N TYR A 190 -8.53 -16.82 -14.59
CA TYR A 190 -7.74 -15.71 -15.06
C TYR A 190 -7.03 -15.07 -13.88
N LEU A 191 -5.73 -14.87 -14.01
CA LEU A 191 -4.96 -14.23 -12.96
C LEU A 191 -4.85 -12.74 -13.28
N LEU A 192 -5.42 -11.90 -12.43
CA LEU A 192 -5.45 -10.47 -12.70
C LEU A 192 -5.47 -9.69 -11.40
N GLU A 193 -5.30 -8.38 -11.47
CA GLU A 193 -5.20 -7.61 -10.24
C GLU A 193 -6.56 -7.46 -9.55
N SER A 194 -6.56 -7.49 -8.22
CA SER A 194 -7.78 -7.54 -7.41
C SER A 194 -8.75 -6.38 -7.71
N THR A 195 -8.19 -5.23 -8.02
CA THR A 195 -8.98 -4.05 -8.41
C THR A 195 -9.88 -4.31 -9.60
N MET A 196 -9.30 -4.88 -10.66
CA MET A 196 -10.05 -5.23 -11.87
CA MET A 196 -10.08 -5.18 -11.85
C MET A 196 -11.00 -6.38 -11.58
N ASN A 197 -10.53 -7.33 -10.78
CA ASN A 197 -11.35 -8.50 -10.41
C ASN A 197 -12.63 -8.04 -9.71
N GLU A 198 -12.48 -7.22 -8.68
CA GLU A 198 -13.61 -6.71 -7.89
C GLU A 198 -14.59 -5.88 -8.71
N TYR A 199 -14.06 -5.17 -9.70
CA TYR A 199 -14.88 -4.35 -10.59
C TYR A 199 -15.77 -5.23 -11.46
N ILE A 200 -15.16 -6.23 -12.09
CA ILE A 200 -15.86 -7.17 -12.96
CA ILE A 200 -15.87 -7.16 -12.96
C ILE A 200 -16.88 -7.99 -12.18
N GLU A 201 -16.54 -8.33 -10.95
CA GLU A 201 -17.44 -9.10 -10.07
C GLU A 201 -18.79 -8.42 -9.89
N GLN A 202 -18.80 -7.08 -9.99
CA GLN A 202 -20.03 -6.34 -9.72
C GLN A 202 -20.81 -5.97 -11.00
N ARG A 203 -20.34 -6.47 -12.13
CA ARG A 203 -20.99 -6.15 -13.40
C ARG A 203 -21.64 -7.36 -14.07
N LYS A 204 -22.72 -7.12 -14.81
CA LYS A 204 -23.42 -8.19 -15.51
C LYS A 204 -22.51 -8.87 -16.52
N PRO A 205 -22.70 -10.19 -16.72
CA PRO A 205 -23.76 -11.05 -16.20
C PRO A 205 -23.52 -11.68 -14.82
N CYS A 206 -22.64 -11.12 -14.00
CA CYS A 206 -22.51 -11.55 -12.59
C CYS A 206 -22.15 -13.03 -12.48
N ASP A 207 -21.29 -13.51 -13.36
CA ASP A 207 -21.01 -14.94 -13.42
C ASP A 207 -19.57 -15.25 -13.03
N THR A 208 -18.82 -14.23 -12.59
CA THR A 208 -17.45 -14.44 -12.17
C THR A 208 -17.32 -14.17 -10.68
N MET A 209 -16.24 -14.66 -10.09
CA MET A 209 -15.93 -14.25 -8.74
C MET A 209 -14.45 -14.36 -8.44
N LYS A 210 -14.01 -13.54 -7.50
CA LYS A 210 -12.64 -13.58 -6.98
C LYS A 210 -12.57 -14.67 -5.93
N VAL A 211 -11.60 -15.58 -6.05
CA VAL A 211 -11.47 -16.60 -5.01
C VAL A 211 -10.10 -16.60 -4.37
N GLY A 212 -10.06 -16.95 -3.10
CA GLY A 212 -8.82 -17.01 -2.36
C GLY A 212 -8.36 -15.63 -1.97
N GLY A 213 -7.26 -15.59 -1.22
CA GLY A 213 -6.63 -14.32 -0.90
C GLY A 213 -5.82 -13.87 -2.09
N ASN A 214 -5.26 -12.67 -2.01
CA ASN A 214 -4.38 -12.17 -3.05
C ASN A 214 -3.02 -12.86 -2.95
N LEU A 215 -2.35 -12.99 -4.09
CA LEU A 215 -1.09 -13.70 -4.17
C LEU A 215 0.08 -12.81 -3.77
N ASP A 216 -0.09 -11.50 -3.89
CA ASP A 216 0.93 -10.56 -3.45
C ASP A 216 0.28 -9.24 -3.07
N SER A 217 1.09 -8.26 -2.69
CA SER A 217 0.55 -6.99 -2.25
C SER A 217 1.38 -5.85 -2.81
N LYS A 218 0.73 -5.00 -3.60
CA LYS A 218 1.43 -3.89 -4.20
C LYS A 218 0.49 -2.71 -4.43
N GLY A 219 0.87 -1.82 -5.34
CA GLY A 219 0.09 -0.63 -5.57
C GLY A 219 0.32 -0.03 -6.94
N TYR A 220 -0.58 0.84 -7.36
CA TYR A 220 -0.40 1.65 -8.58
C TYR A 220 0.24 2.96 -8.21
N GLY A 221 1.15 3.44 -9.06
CA GLY A 221 1.76 4.75 -8.84
C GLY A 221 1.67 5.59 -10.09
N ILE A 222 1.70 6.90 -9.92
CA ILE A 222 1.88 7.80 -11.06
C ILE A 222 3.35 7.80 -11.45
N ALA A 223 3.63 7.53 -12.71
CA ALA A 223 4.99 7.32 -13.18
C ALA A 223 5.51 8.49 -14.02
N THR A 224 6.79 8.79 -13.85
CA THR A 224 7.47 9.86 -14.56
C THR A 224 8.85 9.33 -15.00
N PRO A 225 9.43 9.94 -16.06
CA PRO A 225 10.81 9.60 -16.45
C PRO A 225 11.77 9.90 -15.29
N LYS A 226 12.86 9.17 -15.17
CA LYS A 226 13.84 9.45 -14.11
C LYS A 226 14.35 10.88 -14.18
N GLY A 227 14.42 11.53 -13.02
CA GLY A 227 14.88 12.90 -12.94
C GLY A 227 13.90 13.94 -13.44
N SER A 228 12.65 13.54 -13.63
CA SER A 228 11.62 14.48 -14.08
C SER A 228 11.39 15.61 -13.08
N SER A 229 11.15 16.83 -13.59
CA SER A 229 10.84 17.96 -12.72
C SER A 229 9.50 17.79 -12.01
N LEU A 230 8.65 16.94 -12.56
CA LEU A 230 7.28 16.76 -12.05
C LEU A 230 7.17 15.83 -10.86
N GLY A 231 8.19 14.98 -10.66
CA GLY A 231 8.13 13.93 -9.67
C GLY A 231 7.72 14.37 -8.27
N ASN A 232 8.38 15.38 -7.75
CA ASN A 232 8.11 15.82 -6.38
C ASN A 232 6.69 16.33 -6.17
N ALA A 233 6.23 17.20 -7.06
CA ALA A 233 4.90 17.80 -6.91
C ALA A 233 3.81 16.75 -7.05
N VAL A 234 3.99 15.85 -8.02
CA VAL A 234 3.01 14.78 -8.23
C VAL A 234 2.92 13.88 -7.00
N ASN A 235 4.08 13.57 -6.43
CA ASN A 235 4.10 12.73 -5.25
C ASN A 235 3.37 13.38 -4.07
N LEU A 236 3.65 14.65 -3.82
CA LEU A 236 2.94 15.35 -2.76
C LEU A 236 1.46 15.48 -3.05
N ALA A 237 1.11 15.64 -4.32
CA ALA A 237 -0.30 15.77 -4.70
C ALA A 237 -1.05 14.47 -4.39
N VAL A 238 -0.44 13.33 -4.67
CA VAL A 238 -1.05 12.04 -4.35
C VAL A 238 -1.29 11.93 -2.85
N LEU A 239 -0.31 12.32 -2.04
CA LEU A 239 -0.47 12.15 -0.60
C LEU A 239 -1.54 13.08 -0.06
N LYS A 240 -1.61 14.29 -0.64
CA LYS A 240 -2.62 15.28 -0.26
C LYS A 240 -4.03 14.75 -0.58
N LEU A 241 -4.22 14.30 -1.82
CA LEU A 241 -5.49 13.71 -2.23
C LEU A 241 -5.84 12.52 -1.34
N SER A 242 -4.84 11.72 -0.99
CA SER A 242 -5.10 10.58 -0.13
C SER A 242 -5.62 11.03 1.24
N GLU A 243 -4.92 11.98 1.84
CA GLU A 243 -5.28 12.41 3.18
C GLU A 243 -6.60 13.17 3.22
N GLN A 244 -6.96 13.81 2.11
CA GLN A 244 -8.25 14.52 2.05
C GLN A 244 -9.42 13.55 1.84
N GLY A 245 -9.11 12.29 1.59
CA GLY A 245 -10.14 11.29 1.42
C GLY A 245 -10.67 11.19 0.00
N LEU A 246 -10.04 11.90 -0.93
CA LEU A 246 -10.57 11.98 -2.29
C LEU A 246 -10.26 10.73 -3.12
N LEU A 247 -9.15 10.05 -2.84
CA LEU A 247 -8.87 8.79 -3.51
C LEU A 247 -9.92 7.76 -3.14
N ASP A 248 -10.34 7.74 -1.89
CA ASP A 248 -11.40 6.85 -1.44
C ASP A 248 -12.72 7.17 -2.13
N LYS A 249 -13.04 8.45 -2.22
CA LYS A 249 -14.28 8.87 -2.88
C LYS A 249 -14.29 8.46 -4.36
N LEU A 250 -13.14 8.61 -5.04
CA LEU A 250 -13.06 8.24 -6.44
C LEU A 250 -13.19 6.74 -6.65
N LYS A 251 -12.60 5.96 -5.75
CA LYS A 251 -12.79 4.51 -5.79
C LYS A 251 -14.26 4.14 -5.61
N ASN A 252 -14.92 4.77 -4.64
CA ASN A 252 -16.32 4.47 -4.40
C ASN A 252 -17.16 4.82 -5.62
N LYS A 253 -16.79 5.91 -6.26
CA LYS A 253 -17.52 6.40 -7.42
C LYS A 253 -17.48 5.44 -8.61
N TRP A 254 -16.28 4.98 -8.94
CA TRP A 254 -16.07 4.18 -10.15
C TRP A 254 -16.22 2.69 -9.92
N TRP A 255 -16.21 2.26 -8.65
CA TRP A 255 -16.52 0.88 -8.33
C TRP A 255 -17.94 0.84 -7.70
N TYR A 256 -18.67 1.94 -7.84
CA TYR A 256 -20.03 2.07 -7.28
C TYR A 256 -20.96 0.95 -7.74
N ASP A 257 -21.69 0.37 -6.80
CA ASP A 257 -22.58 -0.74 -7.13
C ASP A 257 -23.99 -0.22 -7.46
N GLU A 260 -25.44 -4.06 -10.20
CA GLU A 260 -25.91 -4.93 -11.26
C GLU A 260 -26.04 -6.38 -10.79
N CYS A 261 -25.52 -6.65 -9.60
CA CYS A 261 -25.42 -8.03 -9.13
C CYS A 261 -25.97 -8.18 -7.70
N GLY B 1 33.93 9.58 1.57
CA GLY B 1 34.92 9.09 2.52
C GLY B 1 34.76 7.60 2.75
N ALA B 2 35.48 7.11 3.75
CA ALA B 2 35.40 5.70 4.10
C ALA B 2 34.00 5.38 4.58
N ASN B 3 33.62 4.11 4.48
CA ASN B 3 32.32 3.66 4.95
C ASN B 3 32.16 3.94 6.42
N LYS B 4 30.97 4.39 6.82
CA LYS B 4 30.68 4.66 8.20
C LYS B 4 29.45 3.85 8.62
N THR B 5 29.40 3.51 9.90
CA THR B 5 28.24 2.82 10.42
C THR B 5 27.00 3.73 10.33
N VAL B 6 25.94 3.19 9.75
CA VAL B 6 24.69 3.90 9.58
C VAL B 6 23.92 3.93 10.89
N VAL B 7 23.52 5.11 11.33
CA VAL B 7 22.72 5.24 12.55
C VAL B 7 21.24 5.13 12.22
N VAL B 8 20.63 4.09 12.74
CA VAL B 8 19.22 3.77 12.50
C VAL B 8 18.37 4.17 13.70
N THR B 9 17.43 5.09 13.51
CA THR B 9 16.54 5.43 14.61
C THR B 9 15.33 4.51 14.51
N THR B 10 14.86 4.02 15.66
CA THR B 10 13.67 3.18 15.64
C THR B 10 12.96 3.37 16.98
N ILE B 11 11.88 2.65 17.19
CA ILE B 11 11.08 2.86 18.40
C ILE B 11 10.72 1.52 19.03
N LEU B 12 10.60 1.48 20.36
CA LEU B 12 10.24 0.24 21.04
C LEU B 12 8.76 0.04 20.94
N GLU B 13 8.35 -0.71 19.91
CA GLU B 13 6.94 -0.90 19.60
C GLU B 13 6.77 -2.34 19.18
N SER B 14 6.02 -3.14 19.94
CA SER B 14 5.88 -4.57 19.59
C SER B 14 4.93 -4.73 18.42
N PRO B 15 5.23 -5.68 17.50
CA PRO B 15 6.35 -6.60 17.46
C PRO B 15 7.47 -6.10 16.56
N TYR B 16 7.44 -4.80 16.28
CA TYR B 16 8.43 -4.21 15.39
C TYR B 16 9.81 -4.22 16.01
N VAL B 17 9.92 -3.68 17.23
CA VAL B 17 11.19 -3.71 17.95
C VAL B 17 10.89 -4.00 19.41
N MET B 18 11.50 -5.06 19.93
CA MET B 18 11.29 -5.50 21.31
C MET B 18 12.63 -5.84 21.94
N MET B 19 12.71 -5.69 23.25
CA MET B 19 13.87 -6.14 24.00
C MET B 19 13.89 -7.66 24.03
N LYS B 20 15.01 -8.26 23.66
CA LYS B 20 15.20 -9.71 23.80
C LYS B 20 15.19 -10.10 25.27
N LYS B 21 14.75 -11.31 25.59
CA LYS B 21 14.64 -11.74 26.98
C LYS B 21 15.91 -11.58 27.82
N ASN B 22 17.08 -11.82 27.23
CA ASN B 22 18.34 -11.69 27.97
C ASN B 22 19.09 -10.40 27.68
N HIS B 23 18.35 -9.34 27.34
CA HIS B 23 18.95 -8.10 26.85
C HIS B 23 19.91 -7.45 27.85
N GLU B 24 19.67 -7.67 29.14
CA GLU B 24 20.46 -7.00 30.17
C GLU B 24 21.94 -7.39 30.11
N MET B 25 22.24 -8.51 29.44
CA MET B 25 23.63 -8.90 29.25
C MET B 25 24.08 -8.79 27.80
N LEU B 26 23.25 -8.20 26.95
CA LEU B 26 23.61 -8.07 25.54
C LEU B 26 23.95 -6.63 25.20
N GLU B 27 24.65 -6.44 24.09
CA GLU B 27 25.06 -5.12 23.66
C GLU B 27 24.74 -4.90 22.20
N GLY B 28 24.65 -3.64 21.82
CA GLY B 28 24.46 -3.27 20.43
C GLY B 28 23.17 -3.84 19.88
N ASN B 29 23.17 -4.18 18.59
CA ASN B 29 21.95 -4.61 17.93
C ASN B 29 21.38 -5.90 18.51
N GLU B 30 22.23 -6.69 19.15
CA GLU B 30 21.82 -7.98 19.72
C GLU B 30 20.76 -7.82 20.81
N ARG B 31 20.63 -6.62 21.37
CA ARG B 31 19.65 -6.39 22.43
C ARG B 31 18.21 -6.50 21.95
N TYR B 32 18.01 -6.40 20.64
CA TYR B 32 16.66 -6.20 20.09
C TYR B 32 16.24 -7.33 19.17
N GLU B 33 14.92 -7.50 19.05
CA GLU B 33 14.35 -8.44 18.08
C GLU B 33 13.04 -7.89 17.58
N GLY B 34 12.56 -8.42 16.45
CA GLY B 34 11.26 -8.04 15.96
C GLY B 34 11.26 -7.82 14.47
N TYR B 35 10.10 -7.43 13.95
CA TYR B 35 9.91 -7.27 12.52
C TYR B 35 10.89 -6.27 11.91
N CYS B 36 11.01 -5.10 12.54
CA CYS B 36 11.87 -4.06 11.98
C CYS B 36 13.35 -4.39 12.16
N VAL B 37 13.66 -5.16 13.20
CA VAL B 37 15.02 -5.65 13.41
C VAL B 37 15.42 -6.59 12.27
N ASP B 38 14.54 -7.52 11.91
CA ASP B 38 14.77 -8.41 10.79
C ASP B 38 14.84 -7.60 9.47
N LEU B 39 13.93 -6.65 9.33
CA LEU B 39 13.90 -5.82 8.12
C LEU B 39 15.19 -5.02 7.98
N ALA B 40 15.61 -4.38 9.06
CA ALA B 40 16.87 -3.63 9.07
C ALA B 40 18.03 -4.50 8.58
N ALA B 41 18.10 -5.73 9.07
CA ALA B 41 19.16 -6.63 8.64
C ALA B 41 19.08 -6.91 7.15
N GLU B 42 17.87 -7.10 6.62
CA GLU B 42 17.71 -7.38 5.19
C GLU B 42 18.09 -6.20 4.33
N ILE B 43 17.62 -5.02 4.72
CA ILE B 43 17.90 -3.78 3.98
C ILE B 43 19.40 -3.54 3.93
N ALA B 44 20.04 -3.66 5.09
CA ALA B 44 21.48 -3.41 5.19
C ALA B 44 22.28 -4.40 4.37
N LYS B 45 21.82 -5.64 4.31
CA LYS B 45 22.50 -6.67 3.53
C LYS B 45 22.42 -6.33 2.04
N HIS B 46 21.24 -5.93 1.59
CA HIS B 46 21.06 -5.57 0.19
C HIS B 46 21.78 -4.29 -0.18
N CYS B 47 21.80 -3.31 0.71
CA CYS B 47 22.43 -2.03 0.38
C CYS B 47 23.91 -2.01 0.74
N GLY B 48 24.35 -3.03 1.46
CA GLY B 48 25.75 -3.18 1.81
C GLY B 48 26.27 -2.12 2.76
N PHE B 49 25.59 -1.93 3.89
CA PHE B 49 26.15 -1.07 4.93
C PHE B 49 26.06 -1.74 6.30
N LYS B 50 26.92 -1.30 7.21
CA LYS B 50 26.84 -1.66 8.63
C LYS B 50 25.98 -0.63 9.33
N TYR B 51 25.31 -1.02 10.42
CA TYR B 51 24.40 -0.10 11.07
C TYR B 51 24.33 -0.31 12.56
N LYS B 52 23.82 0.71 13.25
CA LYS B 52 23.60 0.64 14.69
C LYS B 52 22.17 1.05 14.99
N LEU B 53 21.41 0.13 15.58
CA LEU B 53 20.06 0.46 16.02
C LEU B 53 20.10 1.31 17.26
N THR B 54 19.36 2.42 17.25
N THR B 54 19.38 2.43 17.26
CA THR B 54 19.24 3.30 18.40
CA THR B 54 19.24 3.25 18.45
C THR B 54 17.77 3.65 18.66
C THR B 54 17.78 3.63 18.65
N ILE B 55 17.29 3.39 19.87
CA ILE B 55 15.90 3.72 20.19
C ILE B 55 15.75 5.21 20.35
N VAL B 56 14.78 5.79 19.64
CA VAL B 56 14.55 7.23 19.71
C VAL B 56 14.35 7.68 21.18
N GLY B 57 15.08 8.72 21.54
CA GLY B 57 15.17 9.15 22.92
C GLY B 57 13.84 9.51 23.56
N ASP B 58 12.98 10.23 22.83
CA ASP B 58 11.73 10.67 23.46
C ASP B 58 10.58 9.66 23.27
N GLY B 59 10.86 8.57 22.56
CA GLY B 59 9.91 7.48 22.39
C GLY B 59 8.72 7.88 21.54
N LYS B 60 8.89 8.90 20.71
CA LYS B 60 7.80 9.39 19.88
CA LYS B 60 7.82 9.41 19.88
C LYS B 60 8.04 9.13 18.40
N TYR B 61 6.94 9.03 17.64
CA TYR B 61 7.04 8.86 16.21
C TYR B 61 7.46 10.17 15.52
N GLY B 62 6.74 11.25 15.79
CA GLY B 62 7.16 12.52 15.24
C GLY B 62 6.05 13.45 14.87
N ALA B 63 6.06 14.60 15.53
CA ALA B 63 5.10 15.66 15.25
C ALA B 63 5.84 16.99 15.31
N ARG B 64 5.26 17.98 14.65
CA ARG B 64 5.83 19.30 14.61
C ARG B 64 5.09 20.20 15.60
N ASP B 65 5.83 20.75 16.57
CA ASP B 65 5.26 21.71 17.52
C ASP B 65 4.73 22.93 16.78
N ALA B 66 3.49 23.30 17.01
CA ALA B 66 2.89 24.43 16.30
C ALA B 66 3.57 25.76 16.66
N ASP B 67 4.02 25.87 17.90
CA ASP B 67 4.73 27.06 18.39
C ASP B 67 6.10 27.21 17.75
N THR B 68 7.00 26.31 18.14
CA THR B 68 8.42 26.39 17.82
C THR B 68 8.78 25.82 16.46
N LYS B 69 7.83 25.13 15.84
CA LYS B 69 8.03 24.45 14.56
C LYS B 69 9.15 23.40 14.64
N ILE B 70 9.48 22.95 15.85
CA ILE B 70 10.49 21.90 16.02
C ILE B 70 9.89 20.50 15.92
N TRP B 71 10.50 19.63 15.13
CA TRP B 71 10.06 18.24 15.01
C TRP B 71 10.57 17.40 16.17
N ASN B 72 9.71 16.58 16.75
CA ASN B 72 10.18 15.65 17.78
C ASN B 72 10.24 14.22 17.25
N GLY B 73 10.51 13.24 18.12
CA GLY B 73 10.46 11.84 17.73
C GLY B 73 11.47 11.40 16.67
N MET B 74 11.17 10.31 15.97
CA MET B 74 12.07 9.80 14.94
C MET B 74 12.18 10.78 13.77
N VAL B 75 11.09 11.45 13.45
CA VAL B 75 11.15 12.43 12.36
C VAL B 75 12.18 13.49 12.71
N GLY B 76 12.14 13.98 13.96
CA GLY B 76 13.10 14.94 14.44
C GLY B 76 14.52 14.42 14.35
N GLU B 77 14.74 13.15 14.72
CA GLU B 77 16.10 12.60 14.64
C GLU B 77 16.65 12.72 13.22
N LEU B 78 15.79 12.51 12.22
CA LEU B 78 16.23 12.59 10.84
C LEU B 78 16.41 14.04 10.45
N VAL B 79 15.43 14.87 10.79
CA VAL B 79 15.43 16.27 10.38
C VAL B 79 16.69 16.98 10.93
N TYR B 80 17.09 16.67 12.16
CA TYR B 80 18.19 17.42 12.77
C TYR B 80 19.52 16.70 12.66
N GLY B 81 19.54 15.62 11.89
CA GLY B 81 20.79 14.95 11.59
C GLY B 81 21.34 14.01 12.66
N LYS B 82 20.48 13.58 13.58
CA LYS B 82 20.92 12.69 14.65
C LYS B 82 20.90 11.23 14.25
N ALA B 83 20.17 10.90 13.19
CA ALA B 83 20.13 9.55 12.62
C ALA B 83 20.16 9.61 11.10
N ASP B 84 20.60 8.52 10.48
CA ASP B 84 20.73 8.46 9.03
C ASP B 84 19.50 7.86 8.35
N ILE B 85 18.73 7.10 9.12
CA ILE B 85 17.63 6.34 8.55
C ILE B 85 16.72 5.89 9.68
N ALA B 86 15.42 5.83 9.41
CA ALA B 86 14.46 5.33 10.39
C ALA B 86 13.85 4.04 9.85
N ILE B 87 13.97 2.95 10.60
CA ILE B 87 13.37 1.68 10.19
C ILE B 87 12.44 1.29 11.30
N ALA B 88 11.16 1.58 11.07
CA ALA B 88 10.15 1.55 12.12
C ALA B 88 8.77 1.65 11.48
N PRO B 89 7.70 1.40 12.27
CA PRO B 89 6.35 1.58 11.73
C PRO B 89 6.02 3.08 11.62
N LEU B 90 6.73 3.75 10.72
CA LEU B 90 6.60 5.18 10.54
C LEU B 90 5.68 5.46 9.35
N THR B 91 4.54 6.08 9.62
CA THR B 91 3.52 6.28 8.61
C THR B 91 3.89 7.37 7.58
N ILE B 92 3.75 7.03 6.31
CA ILE B 92 3.96 7.97 5.21
C ILE B 92 2.84 9.02 5.28
N THR B 93 3.20 10.29 5.40
CA THR B 93 2.20 11.37 5.39
C THR B 93 2.67 12.58 4.60
N TYR B 94 1.71 13.40 4.20
CA TYR B 94 2.03 14.61 3.45
C TYR B 94 3.00 15.54 4.18
N VAL B 95 2.69 15.91 5.43
CA VAL B 95 3.54 16.86 6.13
C VAL B 95 4.93 16.29 6.42
N ARG B 96 5.05 14.98 6.64
CA ARG B 96 6.37 14.38 6.81
C ARG B 96 7.16 14.32 5.50
N GLU B 97 6.49 13.97 4.41
CA GLU B 97 7.14 13.93 3.10
C GLU B 97 7.67 15.30 2.66
N GLU B 98 7.14 16.36 3.26
CA GLU B 98 7.67 17.69 3.01
C GLU B 98 9.05 17.91 3.63
N VAL B 99 9.40 17.12 4.66
CA VAL B 99 10.66 17.37 5.36
C VAL B 99 11.63 16.18 5.37
N ILE B 100 11.13 14.96 5.14
CA ILE B 100 12.00 13.79 5.03
C ILE B 100 11.61 12.98 3.79
N ASP B 101 12.41 11.99 3.43
CA ASP B 101 12.10 11.12 2.29
C ASP B 101 11.61 9.78 2.80
N PHE B 102 10.69 9.16 2.07
CA PHE B 102 10.19 7.83 2.41
C PHE B 102 10.41 6.85 1.28
N SER B 103 10.75 5.61 1.61
CA SER B 103 10.74 4.53 0.63
C SER B 103 9.32 4.22 0.21
N LYS B 104 9.16 3.45 -0.85
CA LYS B 104 7.90 2.78 -1.11
C LYS B 104 7.51 1.97 0.14
N PRO B 105 6.20 1.81 0.38
CA PRO B 105 5.74 1.22 1.65
C PRO B 105 6.15 -0.23 1.81
N PHE B 106 6.56 -0.62 3.02
CA PHE B 106 6.88 -2.02 3.27
C PHE B 106 5.74 -2.74 3.98
N MET B 107 4.75 -1.97 4.44
CA MET B 107 3.58 -2.54 5.10
C MET B 107 2.41 -1.57 5.00
N SER B 108 1.23 -2.13 4.75
CA SER B 108 -0.01 -1.35 4.65
CA SER B 108 0.02 -1.31 4.67
C SER B 108 -0.74 -1.30 6.00
N LEU B 109 -1.47 -0.23 6.25
CA LEU B 109 -2.31 -0.16 7.45
C LEU B 109 -3.42 0.87 7.24
N GLY B 110 -4.42 0.80 8.11
CA GLY B 110 -5.43 1.84 8.18
C GLY B 110 -5.72 2.13 9.63
N ILE B 111 -6.25 3.31 9.93
CA ILE B 111 -6.66 3.60 11.30
C ILE B 111 -7.85 2.70 11.62
N SER B 112 -7.88 2.17 12.83
CA SER B 112 -8.91 1.19 13.17
C SER B 112 -9.31 1.35 14.61
N ILE B 113 -10.33 0.62 15.02
CA ILE B 113 -10.86 0.74 16.37
C ILE B 113 -10.57 -0.52 17.16
N MET B 114 -9.98 -0.34 18.33
CA MET B 114 -9.79 -1.45 19.26
C MET B 114 -10.78 -1.30 20.41
N ILE B 115 -11.54 -2.36 20.66
CA ILE B 115 -12.43 -2.42 21.82
C ILE B 115 -12.13 -3.61 22.72
N LYS B 116 -12.54 -3.51 23.97
CA LYS B 116 -12.60 -4.70 24.84
C LYS B 116 -13.76 -5.57 24.33
N LYS B 117 -13.57 -6.89 24.25
CA LYS B 117 -14.63 -7.76 23.71
C LYS B 117 -15.96 -7.53 24.40
N GLY B 118 -17.03 -7.46 23.61
CA GLY B 118 -18.37 -7.24 24.12
C GLY B 118 -18.80 -5.77 24.15
N THR B 119 -17.88 -4.86 23.87
CA THR B 119 -18.25 -3.45 23.81
C THR B 119 -19.25 -3.23 22.66
N PRO B 120 -20.37 -2.55 22.93
CA PRO B 120 -21.40 -2.31 21.92
C PRO B 120 -21.01 -1.21 20.93
N ILE B 121 -19.92 -1.42 20.21
CA ILE B 121 -19.42 -0.45 19.23
C ILE B 121 -19.04 -1.21 17.98
N GLU B 122 -19.55 -0.79 16.83
CA GLU B 122 -19.22 -1.48 15.57
C GLU B 122 -18.51 -0.60 14.54
N SER B 123 -18.44 0.70 14.79
CA SER B 123 -17.93 1.62 13.78
C SER B 123 -17.52 2.94 14.40
N ALA B 124 -16.79 3.75 13.63
CA ALA B 124 -16.49 5.11 14.07
C ALA B 124 -17.77 5.93 14.18
N GLU B 125 -18.73 5.71 13.29
CA GLU B 125 -19.98 6.44 13.41
C GLU B 125 -20.65 6.10 14.75
N ASP B 126 -20.61 4.82 15.14
CA ASP B 126 -21.10 4.38 16.45
C ASP B 126 -20.45 5.19 17.58
N LEU B 127 -19.13 5.32 17.55
CA LEU B 127 -18.43 6.05 18.61
C LEU B 127 -18.87 7.49 18.66
N SER B 128 -18.98 8.13 17.49
CA SER B 128 -19.26 9.55 17.44
C SER B 128 -20.67 9.89 17.93
N LYS B 129 -21.55 8.91 17.97
CA LYS B 129 -22.95 9.20 18.31
C LYS B 129 -23.29 8.92 19.78
N GLN B 130 -22.28 8.67 20.60
CA GLN B 130 -22.52 8.37 22.00
C GLN B 130 -21.44 8.96 22.90
N THR B 131 -21.63 8.87 24.21
CA THR B 131 -20.71 9.53 25.12
C THR B 131 -20.28 8.67 26.30
N GLU B 132 -20.95 7.53 26.49
CA GLU B 132 -20.61 6.65 27.61
C GLU B 132 -19.22 6.03 27.44
N ILE B 133 -18.86 5.72 26.20
CA ILE B 133 -17.58 5.09 25.91
C ILE B 133 -16.62 6.16 25.41
N ALA B 134 -15.57 6.42 26.17
CA ALA B 134 -14.55 7.38 25.77
C ALA B 134 -13.65 6.77 24.70
N TYR B 135 -12.93 7.61 23.97
CA TYR B 135 -12.03 7.10 22.96
C TYR B 135 -10.96 8.11 22.63
N GLY B 136 -9.77 7.62 22.28
CA GLY B 136 -8.66 8.50 22.00
C GLY B 136 -7.61 7.82 21.14
N THR B 137 -6.44 8.46 21.05
CA THR B 137 -5.37 8.03 20.16
C THR B 137 -4.00 8.23 20.81
N LEU B 138 -2.96 7.78 20.13
CA LEU B 138 -1.58 8.05 20.50
C LEU B 138 -1.20 9.54 20.29
N ASP B 139 -0.42 10.11 21.20
CA ASP B 139 0.22 11.41 21.00
C ASP B 139 1.35 11.39 19.98
N SER B 140 1.53 12.52 19.31
CA SER B 140 2.72 12.76 18.46
C SER B 140 2.82 11.80 17.30
N GLY B 141 1.69 11.32 16.82
CA GLY B 141 1.68 10.37 15.72
C GLY B 141 0.70 10.74 14.64
N SER B 142 0.66 9.92 13.60
CA SER B 142 -0.11 10.26 12.41
C SER B 142 -1.62 10.09 12.65
N THR B 143 -1.99 9.23 13.60
CA THR B 143 -3.41 9.02 13.86
C THR B 143 -4.05 10.29 14.47
N LYS B 144 -3.37 10.86 15.44
CA LYS B 144 -3.87 12.08 16.06
C LYS B 144 -3.94 13.23 15.03
N GLU B 145 -2.94 13.33 14.16
CA GLU B 145 -2.94 14.36 13.13
C GLU B 145 -4.06 14.13 12.10
N PHE B 146 -4.39 12.87 11.84
CA PHE B 146 -5.48 12.54 10.93
C PHE B 146 -6.80 13.14 11.42
N PHE B 147 -7.15 12.90 12.67
CA PHE B 147 -8.39 13.45 13.23
C PHE B 147 -8.35 14.96 13.34
N ARG B 148 -7.20 15.50 13.72
CA ARG B 148 -7.06 16.94 13.86
C ARG B 148 -7.33 17.64 12.53
N ARG B 149 -6.95 17.01 11.43
CA ARG B 149 -7.00 17.65 10.12
C ARG B 149 -8.23 17.28 9.29
N SER B 150 -8.98 16.29 9.75
CA SER B 150 -10.03 15.73 8.91
C SER B 150 -11.18 16.71 8.73
N LYS B 151 -11.68 16.81 7.51
CA LYS B 151 -12.85 17.62 7.22
C LYS B 151 -14.04 16.71 7.02
N ILE B 152 -13.81 15.40 7.23
CA ILE B 152 -14.89 14.42 7.16
C ILE B 152 -15.75 14.55 8.41
N ALA B 153 -17.06 14.63 8.24
CA ALA B 153 -17.96 14.98 9.33
C ALA B 153 -17.80 14.11 10.59
N VAL B 154 -17.88 12.78 10.42
CA VAL B 154 -17.76 11.90 11.58
C VAL B 154 -16.41 12.10 12.27
N PHE B 155 -15.33 12.19 11.51
CA PHE B 155 -13.99 12.26 12.10
C PHE B 155 -13.76 13.62 12.75
N ASP B 156 -14.32 14.67 12.15
CA ASP B 156 -14.26 15.99 12.72
C ASP B 156 -15.00 16.04 14.06
N LYS B 157 -16.17 15.41 14.11
CA LYS B 157 -16.97 15.34 15.34
C LYS B 157 -16.20 14.60 16.45
N MET B 158 -15.56 13.49 16.06
CA MET B 158 -14.72 12.74 16.99
C MET B 158 -13.55 13.58 17.53
N TRP B 159 -12.90 14.34 16.65
CA TRP B 159 -11.78 15.19 17.06
C TRP B 159 -12.24 16.27 18.04
N THR B 160 -13.35 16.95 17.76
CA THR B 160 -13.81 18.00 18.66
C THR B 160 -14.12 17.42 20.06
N TYR B 161 -14.57 16.17 20.10
CA TYR B 161 -14.74 15.52 21.39
C TYR B 161 -13.38 15.20 22.02
N MET B 162 -12.52 14.54 21.27
CA MET B 162 -11.27 14.04 21.85
C MET B 162 -10.40 15.17 22.38
N ARG B 163 -10.30 16.25 21.59
CA ARG B 163 -9.39 17.32 21.93
C ARG B 163 -9.74 17.96 23.26
N SER B 164 -11.01 17.89 23.67
CA SER B 164 -11.43 18.56 24.89
CA SER B 164 -11.45 18.56 24.89
C SER B 164 -11.91 17.60 25.98
N ALA B 165 -11.77 16.29 25.75
CA ALA B 165 -12.20 15.31 26.75
C ALA B 165 -11.35 15.40 28.02
N GLU B 166 -12.00 15.27 29.17
CA GLU B 166 -11.30 15.21 30.45
C GLU B 166 -11.84 14.04 31.27
N PRO B 167 -10.96 13.21 31.86
CA PRO B 167 -9.50 13.25 31.70
C PRO B 167 -9.07 12.96 30.26
N SER B 168 -7.83 13.32 29.93
CA SER B 168 -7.29 13.15 28.58
C SER B 168 -7.51 11.76 28.02
N VAL B 169 -8.00 11.69 26.78
CA VAL B 169 -8.18 10.40 26.11
C VAL B 169 -6.94 10.00 25.31
N PHE B 170 -5.92 10.85 25.29
CA PHE B 170 -4.72 10.53 24.52
C PHE B 170 -3.73 9.77 25.38
N VAL B 171 -2.91 8.93 24.75
CA VAL B 171 -1.91 8.16 25.47
C VAL B 171 -0.52 8.39 24.87
N ARG B 172 0.52 8.11 25.66
CA ARG B 172 1.90 8.40 25.28
C ARG B 172 2.54 7.26 24.48
N THR B 173 2.08 6.04 24.74
CA THR B 173 2.55 4.85 24.02
C THR B 173 1.39 3.96 23.66
N THR B 174 1.59 3.12 22.64
CA THR B 174 0.56 2.17 22.25
C THR B 174 0.18 1.27 23.42
N ALA B 175 1.19 0.86 24.19
CA ALA B 175 0.95 -0.01 25.35
C ALA B 175 -0.01 0.61 26.35
N GLU B 176 0.08 1.92 26.54
CA GLU B 176 -0.80 2.63 27.47
C GLU B 176 -2.25 2.62 26.96
N GLY B 177 -2.42 2.74 25.64
CA GLY B 177 -3.74 2.66 25.04
C GLY B 177 -4.35 1.27 25.20
N VAL B 178 -3.54 0.24 25.01
CA VAL B 178 -3.99 -1.15 25.17
C VAL B 178 -4.42 -1.41 26.62
N ALA B 179 -3.61 -0.96 27.58
CA ALA B 179 -3.95 -1.13 28.99
C ALA B 179 -5.26 -0.40 29.31
N ARG B 180 -5.43 0.78 28.73
CA ARG B 180 -6.61 1.54 29.03
C ARG B 180 -7.87 0.84 28.48
N VAL B 181 -7.77 0.23 27.31
CA VAL B 181 -8.90 -0.57 26.80
C VAL B 181 -9.16 -1.76 27.75
N ARG B 182 -8.10 -2.44 28.12
CA ARG B 182 -8.28 -3.67 28.92
C ARG B 182 -8.83 -3.40 30.30
N LYS B 183 -8.52 -2.23 30.86
CA LYS B 183 -8.87 -1.97 32.26
C LYS B 183 -10.13 -1.15 32.45
N SER B 184 -10.71 -0.65 31.37
CA SER B 184 -11.80 0.30 31.52
C SER B 184 -13.18 -0.32 31.38
N LYS B 185 -13.24 -1.65 31.43
CA LYS B 185 -14.51 -2.38 31.44
C LYS B 185 -15.44 -2.01 30.28
N GLY B 186 -14.86 -1.80 29.10
CA GLY B 186 -15.66 -1.49 27.94
C GLY B 186 -16.00 -0.03 27.79
N LYS B 187 -15.45 0.83 28.65
CA LYS B 187 -15.76 2.25 28.61
C LYS B 187 -14.67 3.10 27.94
N TYR B 188 -13.66 2.44 27.37
CA TYR B 188 -12.65 3.13 26.55
C TYR B 188 -12.38 2.32 25.29
N ALA B 189 -12.37 3.02 24.16
CA ALA B 189 -11.98 2.42 22.88
C ALA B 189 -10.76 3.16 22.36
N TYR B 190 -9.89 2.44 21.69
CA TYR B 190 -8.60 3.01 21.31
C TYR B 190 -8.50 3.06 19.79
N LEU B 191 -8.18 4.23 19.25
CA LEU B 191 -8.00 4.38 17.82
C LEU B 191 -6.52 4.22 17.48
N LEU B 192 -6.20 3.20 16.69
CA LEU B 192 -4.81 2.91 16.38
C LEU B 192 -4.70 2.21 15.04
N GLU B 193 -3.47 2.07 14.55
CA GLU B 193 -3.30 1.49 13.22
C GLU B 193 -3.60 -0.01 13.24
N SER B 194 -4.21 -0.48 12.16
CA SER B 194 -4.71 -1.86 12.06
C SER B 194 -3.65 -2.92 12.34
N THR B 195 -2.42 -2.64 11.92
CA THR B 195 -1.27 -3.52 12.21
C THR B 195 -1.05 -3.79 13.69
N MET B 196 -1.07 -2.73 14.48
CA MET B 196 -0.93 -2.85 15.94
CA MET B 196 -0.90 -2.89 15.92
C MET B 196 -2.15 -3.51 16.55
N ASN B 197 -3.33 -3.14 16.04
CA ASN B 197 -4.59 -3.69 16.48
C ASN B 197 -4.61 -5.21 16.29
N GLU B 198 -4.25 -5.65 15.08
CA GLU B 198 -4.23 -7.07 14.74
C GLU B 198 -3.20 -7.86 15.53
N TYR B 199 -2.09 -7.21 15.83
CA TYR B 199 -1.08 -7.86 16.66
C TYR B 199 -1.61 -8.12 18.08
N ILE B 200 -2.17 -7.08 18.68
CA ILE B 200 -2.63 -7.14 20.06
C ILE B 200 -3.76 -8.16 20.19
N GLU B 201 -4.58 -8.24 19.15
CA GLU B 201 -5.68 -9.20 19.10
C GLU B 201 -5.19 -10.65 19.26
N GLN B 202 -3.92 -10.89 18.94
CA GLN B 202 -3.35 -12.23 19.06
C GLN B 202 -2.51 -12.42 20.34
N ARG B 203 -2.54 -11.46 21.25
CA ARG B 203 -1.75 -11.59 22.50
C ARG B 203 -2.67 -11.84 23.69
N LYS B 204 -2.17 -12.60 24.66
CA LYS B 204 -2.93 -12.83 25.89
C LYS B 204 -3.18 -11.48 26.54
N PRO B 205 -4.35 -11.32 27.19
CA PRO B 205 -5.31 -12.40 27.42
C PRO B 205 -6.41 -12.51 26.37
N CYS B 206 -6.14 -12.01 25.17
CA CYS B 206 -7.08 -12.18 24.06
C CYS B 206 -8.44 -11.56 24.40
N ASP B 207 -8.42 -10.33 24.91
CA ASP B 207 -9.66 -9.73 25.38
C ASP B 207 -10.01 -8.49 24.59
N THR B 208 -9.26 -8.26 23.50
CA THR B 208 -9.53 -7.11 22.66
C THR B 208 -9.92 -7.59 21.27
N MET B 209 -10.51 -6.70 20.50
CA MET B 209 -10.72 -7.03 19.10
C MET B 209 -10.87 -5.77 18.27
N LYS B 210 -10.59 -5.93 16.99
CA LYS B 210 -10.68 -4.87 16.01
C LYS B 210 -12.10 -4.86 15.46
N VAL B 211 -12.75 -3.71 15.45
CA VAL B 211 -14.11 -3.64 14.90
C VAL B 211 -14.26 -2.61 13.79
N GLY B 212 -15.13 -2.91 12.83
CA GLY B 212 -15.41 -2.02 11.73
C GLY B 212 -14.31 -2.08 10.68
N GLY B 213 -14.50 -1.37 9.59
CA GLY B 213 -13.48 -1.28 8.57
C GLY B 213 -12.45 -0.25 8.99
N ASN B 214 -11.35 -0.20 8.26
CA ASN B 214 -10.35 0.82 8.49
C ASN B 214 -10.87 2.19 8.07
N LEU B 215 -10.43 3.24 8.77
CA LEU B 215 -10.91 4.59 8.51
C LEU B 215 -10.17 5.26 7.35
N ASP B 216 -8.97 4.76 7.05
CA ASP B 216 -8.20 5.29 5.94
C ASP B 216 -7.24 4.21 5.45
N SER B 217 -6.41 4.54 4.47
CA SER B 217 -5.53 3.53 3.89
C SER B 217 -4.17 4.14 3.65
N LYS B 218 -3.16 3.59 4.30
CA LYS B 218 -1.83 4.15 4.14
C LYS B 218 -0.76 3.09 4.32
N GLY B 219 0.48 3.52 4.57
CA GLY B 219 1.56 2.56 4.67
C GLY B 219 2.73 3.09 5.48
N TYR B 220 3.56 2.17 5.96
CA TYR B 220 4.82 2.53 6.60
C TYR B 220 5.92 2.56 5.56
N GLY B 221 6.80 3.54 5.66
CA GLY B 221 7.94 3.60 4.76
C GLY B 221 9.22 3.74 5.56
N ILE B 222 10.32 3.25 5.00
CA ILE B 222 11.64 3.52 5.56
C ILE B 222 12.03 4.96 5.24
N ALA B 223 12.40 5.73 6.26
CA ALA B 223 12.59 7.16 6.06
C ALA B 223 14.07 7.57 6.14
N THR B 224 14.43 8.55 5.31
CA THR B 224 15.80 9.07 5.27
C THR B 224 15.70 10.59 5.23
N PRO B 225 16.77 11.30 5.65
CA PRO B 225 16.81 12.76 5.52
C PRO B 225 16.72 13.13 4.07
N LYS B 226 16.11 14.27 3.76
CA LYS B 226 15.96 14.67 2.36
C LYS B 226 17.31 14.75 1.66
N GLY B 227 17.38 14.20 0.45
CA GLY B 227 18.62 14.21 -0.31
C GLY B 227 19.68 13.23 0.16
N SER B 228 19.31 12.34 1.09
CA SER B 228 20.23 11.30 1.54
C SER B 228 20.65 10.40 0.38
N SER B 229 21.91 9.98 0.38
CA SER B 229 22.42 9.09 -0.65
C SER B 229 21.94 7.65 -0.48
N LEU B 230 21.27 7.37 0.64
CA LEU B 230 20.79 6.02 0.92
C LEU B 230 19.43 5.74 0.31
N GLY B 231 18.70 6.82 0.01
CA GLY B 231 17.29 6.70 -0.36
C GLY B 231 17.00 5.77 -1.52
N ASN B 232 17.78 5.91 -2.59
CA ASN B 232 17.55 5.11 -3.79
C ASN B 232 17.75 3.61 -3.57
N ALA B 233 18.85 3.25 -2.93
CA ALA B 233 19.15 1.84 -2.68
C ALA B 233 18.12 1.20 -1.73
N VAL B 234 17.76 1.95 -0.69
CA VAL B 234 16.79 1.44 0.28
C VAL B 234 15.43 1.20 -0.39
N ASN B 235 15.05 2.12 -1.27
CA ASN B 235 13.79 1.99 -1.98
C ASN B 235 13.74 0.73 -2.84
N LEU B 236 14.80 0.49 -3.59
CA LEU B 236 14.86 -0.70 -4.43
C LEU B 236 14.91 -1.95 -3.57
N ALA B 237 15.57 -1.85 -2.43
CA ALA B 237 15.65 -2.98 -1.53
C ALA B 237 14.27 -3.39 -1.02
N VAL B 238 13.45 -2.39 -0.68
CA VAL B 238 12.09 -2.65 -0.19
C VAL B 238 11.27 -3.33 -1.28
N LEU B 239 11.35 -2.83 -2.50
CA LEU B 239 10.60 -3.44 -3.60
C LEU B 239 11.07 -4.85 -3.92
N LYS B 240 12.39 -5.09 -3.83
CA LYS B 240 12.91 -6.42 -4.07
C LYS B 240 12.43 -7.41 -2.99
N LEU B 241 12.55 -7.02 -1.72
CA LEU B 241 12.08 -7.87 -0.63
C LEU B 241 10.59 -8.12 -0.74
N SER B 242 9.84 -7.11 -1.17
CA SER B 242 8.41 -7.28 -1.35
C SER B 242 8.15 -8.35 -2.44
N GLU B 243 8.78 -8.18 -3.59
CA GLU B 243 8.59 -9.09 -4.71
C GLU B 243 8.93 -10.54 -4.35
N GLN B 244 10.03 -10.72 -3.60
CA GLN B 244 10.47 -12.04 -3.16
C GLN B 244 9.57 -12.70 -2.12
N GLY B 245 8.61 -11.95 -1.59
CA GLY B 245 7.68 -12.51 -0.62
C GLY B 245 8.22 -12.45 0.82
N LEU B 246 9.36 -11.80 1.02
CA LEU B 246 10.00 -11.78 2.34
C LEU B 246 9.25 -10.91 3.35
N LEU B 247 8.67 -9.80 2.90
CA LEU B 247 7.88 -8.97 3.79
C LEU B 247 6.65 -9.73 4.30
N ASP B 248 6.02 -10.51 3.44
CA ASP B 248 4.89 -11.35 3.85
C ASP B 248 5.33 -12.38 4.87
N LYS B 249 6.48 -13.01 4.63
CA LYS B 249 7.01 -14.00 5.58
C LYS B 249 7.31 -13.38 6.94
N LEU B 250 7.85 -12.17 6.94
CA LEU B 250 8.17 -11.51 8.21
C LEU B 250 6.90 -11.11 8.95
N LYS B 251 5.88 -10.67 8.21
CA LYS B 251 4.65 -10.33 8.94
C LYS B 251 4.07 -11.60 9.58
N ASN B 252 4.04 -12.70 8.83
CA ASN B 252 3.49 -13.94 9.39
C ASN B 252 4.26 -14.40 10.61
N LYS B 253 5.59 -14.28 10.54
CA LYS B 253 6.45 -14.71 11.63
C LYS B 253 6.11 -13.95 12.91
N TRP B 254 5.97 -12.64 12.82
CA TRP B 254 5.87 -11.82 14.03
C TRP B 254 4.44 -11.56 14.51
N TRP B 255 3.46 -11.75 13.63
CA TRP B 255 2.05 -11.52 14.01
C TRP B 255 1.36 -12.83 14.36
N TYR B 256 1.53 -13.85 13.52
CA TYR B 256 0.63 -14.99 13.60
C TYR B 256 1.31 -16.29 14.00
N ASP B 257 2.50 -16.57 13.47
CA ASP B 257 3.24 -17.76 13.90
C ASP B 257 3.43 -17.77 15.41
N LYS B 258 3.63 -16.60 16.00
CA LYS B 258 3.86 -16.45 17.43
C LYS B 258 2.60 -16.04 18.22
N GLY B 259 1.44 -16.13 17.59
CA GLY B 259 0.19 -15.73 18.23
C GLY B 259 -0.19 -16.58 19.43
N GLU B 260 -0.76 -15.94 20.46
CA GLU B 260 -1.05 -16.62 21.72
C GLU B 260 -2.52 -16.95 21.91
N CYS B 261 -3.32 -16.74 20.88
CA CYS B 261 -4.77 -16.86 21.02
C CYS B 261 -5.34 -17.96 20.14
N GLY B 262 -4.50 -18.97 19.83
CA GLY B 262 -4.97 -20.13 19.10
C GLY B 262 -4.60 -20.15 17.63
N SER B 263 -5.16 -21.13 16.91
CA SER B 263 -4.87 -21.32 15.49
C SER B 263 -6.01 -20.82 14.60
C1 3C1 C . 2.24 -0.19 -2.88
N1 3C1 C . 0.97 -0.07 -2.41
O1 3C1 C . 4.69 -2.12 -4.15
C2 3C1 C . 0.60 -0.89 -1.42
N2 3C1 C . 5.57 -1.93 -1.81
O2 3C1 C . 5.27 0.16 -3.18
C3 3C1 C . 1.46 -1.83 -0.87
N3 3C1 C . 3.65 -2.91 -0.81
C4 3C1 C . 3.13 -1.10 -2.37
C5 3C1 C . 4.95 -3.17 -1.40
C6 3C1 C . 2.78 -1.97 -1.35
C7 3C1 C . 3.21 -3.83 0.24
C8 3C1 C . 3.25 -3.18 1.63
S1 3C1 C . 4.74 -1.18 -3.05
S SO4 D . 5.82 -10.55 -21.86
O1 SO4 D . 5.95 -10.37 -20.42
O2 SO4 D . 6.72 -9.62 -22.55
O3 SO4 D . 4.44 -10.29 -22.28
O4 SO4 D . 6.15 -11.92 -22.22
S SO4 E . 17.43 -8.84 -10.58
O1 SO4 E . 16.86 -8.01 -11.64
O2 SO4 E . 18.36 -8.05 -9.78
O3 SO4 E . 18.12 -9.97 -11.16
O4 SO4 E . 16.34 -9.32 -9.72
C1 GOL F . 4.44 21.41 -12.24
O1 GOL F . 4.63 22.42 -13.20
C2 GOL F . 5.23 21.72 -10.97
O2 GOL F . 6.20 20.72 -10.76
C3 GOL F . 4.25 21.74 -9.80
O3 GOL F . 4.81 22.42 -8.69
C1 GOL G . 10.01 -17.45 -20.89
O1 GOL G . 9.51 -16.13 -20.97
C2 GOL G . 11.17 -17.48 -19.90
O2 GOL G . 11.47 -16.19 -19.47
C3 GOL G . 10.77 -18.33 -18.70
O3 GOL G . 11.79 -18.31 -17.73
C ACT H . -0.61 20.21 -3.25
O ACT H . 0.26 19.92 -2.40
OXT ACT H . -0.84 19.33 -4.11
CH3 ACT H . -1.35 21.51 -3.23
C ACT I . -6.77 1.53 -1.21
O ACT I . -6.63 1.40 -2.45
OXT ACT I . -5.82 1.15 -0.48
CH3 ACT I . -8.02 2.09 -0.58
C ACT J . -10.10 8.84 -31.52
O ACT J . -9.91 9.76 -32.35
OXT ACT J . -10.76 9.14 -30.51
CH3 ACT J . -9.54 7.46 -31.73
C ACT K . 11.01 6.98 -6.95
O ACT K . 11.50 8.04 -7.38
OXT ACT K . 10.32 6.29 -7.74
CH3 ACT K . 11.23 6.55 -5.53
CL CL L . 8.27 -21.02 -1.06
N GLU M . -1.27 -3.15 -13.65
CA GLU M . -0.51 -4.08 -14.48
C GLU M . 0.78 -3.45 -14.98
O GLU M . 1.10 -2.31 -14.60
CB GLU M . -1.34 -4.56 -15.68
CG GLU M . -2.36 -5.66 -15.33
CD GLU M . -1.73 -7.00 -15.00
OE1 GLU M . -0.52 -7.17 -15.28
OE2 GLU M . -2.44 -7.89 -14.48
OXT GLU M . 1.52 -4.07 -15.75
C1 3C1 N . 1.05 3.54 1.30
N1 3C1 N . 0.84 2.22 1.44
O1 3C1 N . 0.12 6.73 1.95
C2 3C1 N . -0.37 1.76 1.11
N2 3C1 N . -0.65 6.65 -0.38
O2 3C1 N . 1.80 6.08 0.16
C3 3C1 N . -1.41 2.58 0.65
N3 3C1 N . -2.19 4.83 0.04
C4 3C1 N . 0.07 4.40 0.84
C5 3C1 N . -2.01 6.27 -0.05
C6 3C1 N . -1.20 3.96 0.49
C7 3C1 N . -3.51 4.29 -0.34
C8 3C1 N . -3.45 3.65 -1.73
S1 3C1 N . 0.46 6.07 0.71
S SO4 O . 0.38 16.15 19.08
O1 SO4 O . 1.63 16.90 19.08
O2 SO4 O . 0.14 15.69 17.71
O3 SO4 O . -0.74 17.00 19.49
O4 SO4 O . 0.48 15.00 19.97
C1 GOL P . 2.55 14.32 12.65
O1 GOL P . 3.71 14.24 11.83
C2 GOL P . 2.00 15.74 12.66
O2 GOL P . 1.30 16.01 13.86
C3 GOL P . 3.15 16.71 12.46
O3 GOL P . 3.00 17.83 13.32
C1 GOL Q . -4.52 21.56 18.06
O1 GOL Q . -4.02 20.78 19.12
C2 GOL Q . -6.00 21.26 17.94
O2 GOL Q . -6.65 21.63 19.13
C3 GOL Q . -6.63 21.98 16.77
O3 GOL Q . -7.95 21.52 16.63
C1 PEG R . 25.37 -0.53 23.01
O1 PEG R . 25.20 -1.57 23.85
C2 PEG R . 24.97 0.74 23.72
O2 PEG R . 24.87 1.81 22.80
C3 PEG R . 24.22 2.97 23.39
C4 PEG R . 22.88 2.53 23.96
O4 PEG R . 21.85 3.13 23.21
C ACT S . 19.73 -1.71 27.28
O ACT S . 20.92 -1.32 27.33
OXT ACT S . 18.92 -0.93 26.72
CH3 ACT S . 19.29 -3.03 27.84
C ACT T . -4.35 18.06 22.18
O ACT T . -3.48 18.50 21.39
OXT ACT T . -3.98 17.13 22.94
CH3 ACT T . -5.75 18.62 22.22
C ACT U . 0.66 -5.70 3.06
O ACT U . -0.26 -5.16 2.41
OXT ACT U . 1.09 -6.78 2.59
CH3 ACT U . 1.23 -5.10 4.31
C ACT V . 10.34 10.62 -1.57
O ACT V . 11.38 11.29 -1.70
OXT ACT V . 9.97 10.40 -0.38
CH3 ACT V . 9.57 10.12 -2.75
CL CL W . 31.87 4.23 12.09
N GLU X . 2.69 4.86 12.85
CA GLU X . 2.27 6.11 13.49
C GLU X . 3.19 7.25 13.12
O GLU X . 4.10 7.09 12.30
CB GLU X . 2.22 5.95 15.01
CG GLU X . 0.98 5.21 15.53
CD GLU X . -0.29 6.04 15.45
OE1 GLU X . -0.22 7.27 15.27
OE2 GLU X . -1.39 5.44 15.59
OXT GLU X . 3.03 8.36 13.64
#